data_7A9Y
#
_entry.id   7A9Y
#
_cell.length_a   36.890
_cell.length_b   109.980
_cell.length_c   170.340
_cell.angle_alpha   90.000
_cell.angle_beta   90.000
_cell.angle_gamma   90.000
#
_symmetry.space_group_name_H-M   'I 2 2 2'
#
loop_
_entity.id
_entity.type
_entity.pdbx_description
1 polymer 'Cellular retinoic acid-binding protein 1'
2 non-polymer 'MYRISTIC ACID'
3 non-polymer GLYCEROL
4 non-polymer 'N-TRIDECANOIC ACID'
5 water water
#
_entity_poly.entity_id   1
_entity_poly.type   'polypeptide(L)'
_entity_poly.pdbx_seq_one_letter_code
;MPNFAGTWKMRSSENFDELLKALGVNAMCRKVAVAAASKPHVEIRQDGDQFYIKTSTTVRTTEINFKVGEGFEEETVDGR
KCRSLATWENENKIHCTQTLLEGDGPKTYWTRELANDELILTFGADDVVCTRIYVRE
;
_entity_poly.pdbx_strand_id   BBB,AAA
#
# COMPACT_ATOMS: atom_id res chain seq x y z
N PRO A 2 21.95 13.86 7.50
CA PRO A 2 20.56 13.43 7.76
C PRO A 2 20.48 12.34 8.83
N ASN A 3 19.42 12.38 9.66
N ASN A 3 19.44 12.39 9.68
CA ASN A 3 19.20 11.43 10.78
CA ASN A 3 19.25 11.40 10.76
C ASN A 3 18.15 10.38 10.39
C ASN A 3 18.16 10.39 10.38
N PHE A 4 18.56 9.25 9.84
CA PHE A 4 17.64 8.11 9.55
C PHE A 4 17.27 7.35 10.83
N ALA A 5 18.05 7.50 11.90
CA ALA A 5 17.90 6.67 13.11
C ALA A 5 16.50 6.85 13.73
N GLY A 6 15.97 5.75 14.27
CA GLY A 6 14.68 5.75 14.96
C GLY A 6 13.87 4.52 14.62
N THR A 7 12.62 4.51 15.08
CA THR A 7 11.64 3.44 14.83
C THR A 7 10.63 4.03 13.87
N TRP A 8 10.26 3.22 12.88
CA TRP A 8 9.46 3.69 11.72
C TRP A 8 8.35 2.65 11.48
N LYS A 9 7.21 3.11 11.00
CA LYS A 9 6.08 2.23 10.63
C LYS A 9 5.56 2.63 9.26
N MET A 10 5.17 1.63 8.48
CA MET A 10 4.85 1.90 7.06
C MET A 10 3.44 2.47 6.97
N ARG A 11 3.27 3.55 6.24
CA ARG A 11 1.94 4.15 6.02
C ARG A 11 1.39 3.75 4.67
N SER A 12 2.21 3.61 3.63
CA SER A 12 1.65 3.34 2.28
C SER A 12 2.69 2.57 1.46
N SER A 13 2.18 1.83 0.50
CA SER A 13 2.99 1.04 -0.46
C SER A 13 2.37 1.21 -1.84
N GLU A 14 3.19 1.26 -2.89
CA GLU A 14 2.75 1.35 -4.27
C GLU A 14 3.54 0.34 -5.10
N ASN A 15 2.82 -0.45 -5.89
CA ASN A 15 3.42 -1.26 -6.96
C ASN A 15 4.23 -2.43 -6.41
N PHE A 16 3.99 -2.85 -5.17
CA PHE A 16 4.71 -4.02 -4.61
C PHE A 16 4.35 -5.29 -5.38
N ASP A 17 3.09 -5.52 -5.72
CA ASP A 17 2.70 -6.71 -6.52
C ASP A 17 3.43 -6.71 -7.86
N GLU A 18 3.51 -5.57 -8.54
CA GLU A 18 4.17 -5.49 -9.86
C GLU A 18 5.67 -5.75 -9.69
N LEU A 19 6.28 -5.30 -8.61
CA LEU A 19 7.72 -5.54 -8.35
C LEU A 19 7.93 -7.07 -8.22
N LEU A 20 7.10 -7.73 -7.43
CA LEU A 20 7.32 -9.18 -7.18
C LEU A 20 7.10 -9.93 -8.51
N LYS A 21 6.16 -9.49 -9.35
CA LYS A 21 5.97 -10.08 -10.69
C LYS A 21 7.24 -9.90 -11.54
N ALA A 22 7.88 -8.73 -11.50
CA ALA A 22 9.15 -8.48 -12.24
C ALA A 22 10.28 -9.37 -11.67
N LEU A 23 10.19 -9.77 -10.41
CA LEU A 23 11.19 -10.68 -9.78
C LEU A 23 10.86 -12.16 -10.06
N GLY A 24 9.78 -12.42 -10.78
CA GLY A 24 9.38 -13.76 -11.19
C GLY A 24 8.60 -14.50 -10.13
N VAL A 25 7.97 -13.80 -9.20
CA VAL A 25 7.14 -14.48 -8.17
C VAL A 25 5.74 -14.76 -8.74
N ASN A 26 5.25 -16.00 -8.63
CA ASN A 26 3.94 -16.44 -9.14
C ASN A 26 2.81 -15.73 -8.38
N ALA A 27 1.62 -15.67 -8.97
CA ALA A 27 0.45 -14.92 -8.43
C ALA A 27 0.07 -15.38 -7.03
N MET A 28 0.02 -16.68 -6.75
CA MET A 28 -0.46 -17.16 -5.42
C MET A 28 0.49 -16.65 -4.35
N CYS A 29 1.80 -16.74 -4.62
CA CYS A 29 2.85 -16.27 -3.68
CA CYS A 29 2.87 -16.28 -3.68
C CYS A 29 2.79 -14.75 -3.54
N ARG A 30 2.60 -14.01 -4.62
CA ARG A 30 2.49 -12.52 -4.52
C ARG A 30 1.33 -12.15 -3.57
N LYS A 31 0.18 -12.78 -3.69
CA LYS A 31 -0.98 -12.41 -2.86
C LYS A 31 -0.62 -12.55 -1.36
N VAL A 32 0.04 -13.64 -0.97
CA VAL A 32 0.44 -13.90 0.45
C VAL A 32 1.55 -12.92 0.82
N ALA A 33 2.52 -12.73 -0.04
CA ALA A 33 3.68 -11.88 0.29
C ALA A 33 3.24 -10.41 0.44
N VAL A 34 2.38 -9.94 -0.44
CA VAL A 34 1.88 -8.54 -0.38
C VAL A 34 1.15 -8.38 0.98
N ALA A 35 0.33 -9.35 1.39
CA ALA A 35 -0.40 -9.29 2.69
C ALA A 35 0.59 -9.33 3.86
N ALA A 36 1.56 -10.24 3.85
CA ALA A 36 2.55 -10.42 4.93
C ALA A 36 3.43 -9.17 5.13
N ALA A 37 3.67 -8.39 4.06
CA ALA A 37 4.55 -7.21 4.03
C ALA A 37 3.74 -5.91 4.16
N SER A 38 2.45 -5.98 4.52
CA SER A 38 1.53 -4.83 4.49
C SER A 38 1.82 -3.85 5.62
N LYS A 39 2.54 -4.20 6.69
CA LYS A 39 2.85 -3.16 7.74
C LYS A 39 4.07 -3.53 8.55
N PRO A 40 5.23 -3.47 7.88
CA PRO A 40 6.47 -3.68 8.59
C PRO A 40 6.76 -2.56 9.60
N HIS A 41 7.51 -2.94 10.62
CA HIS A 41 8.11 -2.07 11.64
C HIS A 41 9.63 -2.08 11.47
N VAL A 42 10.19 -0.91 11.32
CA VAL A 42 11.63 -0.76 10.99
C VAL A 42 12.34 -0.05 12.14
N GLU A 43 13.51 -0.55 12.49
CA GLU A 43 14.42 0.12 13.44
C GLU A 43 15.72 0.44 12.68
N ILE A 44 16.08 1.70 12.67
CA ILE A 44 17.40 2.12 12.13
C ILE A 44 18.26 2.69 13.26
N ARG A 45 19.51 2.26 13.29
CA ARG A 45 20.59 2.91 14.08
C ARG A 45 21.61 3.44 13.07
N GLN A 46 22.05 4.67 13.26
CA GLN A 46 23.00 5.32 12.35
C GLN A 46 24.11 6.01 13.15
N ASP A 47 25.35 5.80 12.76
CA ASP A 47 26.52 6.57 13.28
C ASP A 47 27.37 7.01 12.07
N GLY A 48 27.13 8.23 11.59
CA GLY A 48 27.71 8.78 10.37
C GLY A 48 27.25 7.98 9.15
N ASP A 49 28.19 7.21 8.58
CA ASP A 49 27.98 6.37 7.38
C ASP A 49 27.66 4.95 7.79
N GLN A 50 27.69 4.64 9.09
CA GLN A 50 27.50 3.26 9.57
C GLN A 50 26.01 3.09 9.88
N PHE A 51 25.39 2.08 9.28
CA PHE A 51 23.92 1.83 9.37
C PHE A 51 23.63 0.43 9.84
N TYR A 52 22.57 0.35 10.64
CA TYR A 52 21.92 -0.93 11.04
C TYR A 52 20.42 -0.76 10.72
N ILE A 53 19.88 -1.66 9.91
CA ILE A 53 18.45 -1.59 9.51
C ILE A 53 17.81 -2.93 9.76
N LYS A 54 16.82 -2.95 10.64
CA LYS A 54 16.03 -4.15 10.95
C LYS A 54 14.60 -3.90 10.46
N THR A 55 14.09 -4.79 9.64
CA THR A 55 12.72 -4.75 9.12
C THR A 55 11.98 -5.96 9.63
N SER A 56 10.92 -5.75 10.41
CA SER A 56 10.23 -6.90 11.04
C SER A 56 8.78 -6.94 10.59
N THR A 57 8.38 -8.15 10.28
CA THR A 57 6.97 -8.56 10.09
C THR A 57 6.79 -9.81 10.92
N THR A 58 5.55 -10.22 11.12
CA THR A 58 5.24 -11.43 11.91
C THR A 58 5.86 -12.64 11.22
N VAL A 59 5.93 -12.66 9.89
CA VAL A 59 6.39 -13.88 9.16
C VAL A 59 7.90 -13.82 8.89
N ARG A 60 8.53 -12.66 8.81
CA ARG A 60 9.95 -12.57 8.38
C ARG A 60 10.61 -11.29 8.88
N THR A 61 11.79 -11.43 9.46
CA THR A 61 12.60 -10.31 9.94
C THR A 61 13.97 -10.36 9.26
N THR A 62 14.42 -9.22 8.75
CA THR A 62 15.77 -9.09 8.14
C THR A 62 16.52 -7.99 8.88
N GLU A 63 17.82 -8.17 9.01
CA GLU A 63 18.71 -7.14 9.60
C GLU A 63 19.90 -6.98 8.65
N ILE A 64 20.28 -5.75 8.33
CA ILE A 64 21.53 -5.51 7.58
C ILE A 64 22.38 -4.51 8.37
N ASN A 65 23.70 -4.68 8.27
CA ASN A 65 24.72 -3.74 8.78
C ASN A 65 25.57 -3.33 7.57
N PHE A 66 25.74 -2.04 7.34
CA PHE A 66 26.61 -1.58 6.24
C PHE A 66 27.21 -0.24 6.60
N LYS A 67 28.33 0.05 5.93
CA LYS A 67 28.88 1.40 5.85
C LYS A 67 28.68 1.93 4.43
N VAL A 68 28.24 3.17 4.31
CA VAL A 68 28.06 3.82 2.99
C VAL A 68 29.44 3.83 2.31
N GLY A 69 29.50 3.35 1.06
CA GLY A 69 30.77 3.31 0.28
C GLY A 69 31.51 2.01 0.41
N GLU A 70 31.08 1.07 1.26
CA GLU A 70 31.73 -0.25 1.41
C GLU A 70 30.79 -1.39 1.00
N GLY A 71 31.32 -2.36 0.27
CA GLY A 71 30.58 -3.57 -0.11
C GLY A 71 30.07 -4.35 1.07
N PHE A 72 28.89 -4.93 0.92
CA PHE A 72 28.32 -5.86 1.92
C PHE A 72 27.45 -6.88 1.18
N GLU A 73 27.03 -7.91 1.87
CA GLU A 73 26.14 -8.96 1.31
C GLU A 73 24.77 -8.86 2.00
N GLU A 74 23.70 -8.94 1.23
CA GLU A 74 22.35 -8.99 1.82
C GLU A 74 21.51 -9.90 0.91
N GLU A 75 20.20 -9.75 0.96
CA GLU A 75 19.26 -10.47 0.10
C GLU A 75 18.38 -9.45 -0.62
N THR A 76 17.98 -9.77 -1.82
CA THR A 76 16.91 -9.06 -2.56
C THR A 76 15.60 -9.25 -1.78
N VAL A 77 14.58 -8.52 -2.16
CA VAL A 77 13.25 -8.62 -1.50
C VAL A 77 12.74 -10.07 -1.53
N ASP A 78 13.03 -10.80 -2.61
CA ASP A 78 12.52 -12.15 -2.84
C ASP A 78 13.53 -13.18 -2.26
N GLY A 79 14.57 -12.71 -1.58
CA GLY A 79 15.42 -13.54 -0.70
C GLY A 79 16.57 -14.19 -1.45
N ARG A 80 17.03 -13.59 -2.55
N ARG A 80 17.04 -13.59 -2.54
CA ARG A 80 18.21 -14.09 -3.29
CA ARG A 80 18.21 -14.08 -3.27
C ARG A 80 19.46 -13.33 -2.80
C ARG A 80 19.46 -13.32 -2.80
N LYS A 81 20.53 -14.07 -2.50
CA LYS A 81 21.80 -13.49 -1.97
C LYS A 81 22.34 -12.53 -3.01
N CYS A 82 22.76 -11.34 -2.58
CA CYS A 82 23.33 -10.33 -3.47
C CYS A 82 24.52 -9.64 -2.81
N ARG A 83 25.42 -9.14 -3.63
CA ARG A 83 26.49 -8.25 -3.19
C ARG A 83 25.98 -6.83 -3.42
N SER A 84 26.07 -5.97 -2.41
CA SER A 84 25.50 -4.60 -2.41
C SER A 84 26.53 -3.51 -2.14
N LEU A 85 26.26 -2.32 -2.65
CA LEU A 85 26.99 -1.07 -2.37
C LEU A 85 26.04 0.10 -2.23
N ALA A 86 26.05 0.75 -1.05
CA ALA A 86 25.31 2.00 -0.81
C ALA A 86 26.18 3.22 -1.05
N THR A 87 25.63 4.25 -1.67
CA THR A 87 26.30 5.57 -1.89
C THR A 87 25.33 6.69 -1.54
N TRP A 88 25.84 7.86 -1.11
CA TRP A 88 25.03 9.09 -0.99
C TRP A 88 24.73 9.56 -2.40
N GLU A 89 23.45 9.68 -2.75
CA GLU A 89 23.01 10.22 -4.04
C GLU A 89 22.80 11.72 -3.84
N ASN A 90 22.48 12.10 -2.62
CA ASN A 90 22.38 13.51 -2.19
C ASN A 90 22.47 13.49 -0.67
N GLU A 91 22.28 14.66 -0.04
CA GLU A 91 22.50 14.84 1.42
C GLU A 91 21.53 13.92 2.19
N ASN A 92 20.35 13.64 1.63
CA ASN A 92 19.26 12.95 2.38
C ASN A 92 18.89 11.62 1.74
N LYS A 93 19.71 11.06 0.85
CA LYS A 93 19.30 9.89 0.04
C LYS A 93 20.46 8.93 -0.12
N ILE A 94 20.22 7.65 0.18
CA ILE A 94 21.18 6.54 -0.04
C ILE A 94 20.65 5.69 -1.20
N HIS A 95 21.53 5.39 -2.16
CA HIS A 95 21.21 4.53 -3.31
C HIS A 95 22.04 3.27 -3.20
N CYS A 96 21.40 2.12 -3.18
CA CYS A 96 22.08 0.85 -3.00
C CYS A 96 22.00 0.03 -4.29
N THR A 97 23.15 -0.20 -4.93
CA THR A 97 23.25 -1.07 -6.14
C THR A 97 23.43 -2.50 -5.70
N GLN A 98 22.81 -3.45 -6.39
CA GLN A 98 22.88 -4.87 -6.02
C GLN A 98 23.34 -5.71 -7.23
N THR A 99 24.04 -6.83 -6.96
CA THR A 99 24.40 -7.91 -7.93
C THR A 99 24.10 -9.27 -7.34
N LEU A 100 23.37 -10.19 -8.03
CA LEU A 100 23.16 -11.59 -7.54
C LEU A 100 24.50 -12.31 -7.33
N LEU A 101 24.70 -13.01 -6.20
CA LEU A 101 25.86 -13.93 -6.00
C LEU A 101 25.68 -15.13 -6.95
N GLU A 102 24.44 -15.58 -7.16
CA GLU A 102 24.10 -16.93 -7.68
C GLU A 102 22.92 -16.80 -8.65
N GLY A 103 23.13 -17.13 -9.92
CA GLY A 103 22.06 -17.21 -10.91
C GLY A 103 21.86 -15.90 -11.63
N ASP A 104 20.79 -15.78 -12.40
CA ASP A 104 20.47 -14.58 -13.19
C ASP A 104 19.10 -14.07 -12.74
N GLY A 105 18.82 -12.83 -13.08
CA GLY A 105 17.60 -12.15 -12.62
C GLY A 105 17.62 -10.71 -13.02
N PRO A 106 16.54 -9.97 -12.68
CA PRO A 106 16.43 -8.57 -13.08
C PRO A 106 17.47 -7.73 -12.35
N LYS A 107 17.77 -6.56 -12.88
CA LYS A 107 18.63 -5.55 -12.24
C LYS A 107 17.86 -4.96 -11.05
N THR A 108 18.36 -5.11 -9.84
CA THR A 108 17.65 -4.64 -8.64
C THR A 108 18.45 -3.55 -7.94
N TYR A 109 17.76 -2.72 -7.18
CA TYR A 109 18.39 -1.70 -6.32
C TYR A 109 17.35 -1.28 -5.28
N TRP A 110 17.83 -0.58 -4.27
CA TRP A 110 16.90 0.13 -3.34
C TRP A 110 17.44 1.53 -3.09
N THR A 111 16.52 2.41 -2.70
CA THR A 111 16.90 3.77 -2.24
C THR A 111 16.17 4.04 -0.93
N ARG A 112 16.84 4.78 -0.06
CA ARG A 112 16.16 5.28 1.17
C ARG A 112 16.44 6.78 1.24
N GLU A 113 15.37 7.55 1.37
CA GLU A 113 15.44 9.03 1.37
C GLU A 113 14.64 9.57 2.55
N LEU A 114 15.20 10.56 3.23
CA LEU A 114 14.45 11.35 4.26
C LEU A 114 13.85 12.58 3.58
N ALA A 115 12.53 12.74 3.60
CA ALA A 115 11.81 13.87 2.97
C ALA A 115 10.67 14.32 3.89
N ASN A 116 10.78 15.51 4.48
CA ASN A 116 9.75 16.06 5.41
C ASN A 116 9.58 15.10 6.58
N ASP A 117 10.72 14.61 7.09
CA ASP A 117 10.82 13.67 8.24
C ASP A 117 10.04 12.36 7.97
N GLU A 118 9.73 12.07 6.71
CA GLU A 118 9.21 10.75 6.28
C GLU A 118 10.37 9.98 5.66
N LEU A 119 10.29 8.65 5.70
CA LEU A 119 11.34 7.78 5.14
C LEU A 119 10.77 7.11 3.88
N ILE A 120 11.27 7.46 2.70
CA ILE A 120 10.80 6.92 1.40
C ILE A 120 11.74 5.81 0.97
N LEU A 121 11.22 4.60 0.96
CA LEU A 121 11.98 3.41 0.51
C LEU A 121 11.53 3.12 -0.93
N THR A 122 12.44 2.99 -1.87
CA THR A 122 12.07 2.58 -3.23
C THR A 122 12.84 1.30 -3.53
N PHE A 123 12.17 0.38 -4.20
CA PHE A 123 12.78 -0.85 -4.74
C PHE A 123 12.62 -0.82 -6.23
N GLY A 124 13.69 -1.21 -6.95
CA GLY A 124 13.60 -1.31 -8.41
C GLY A 124 13.88 -2.74 -8.84
N ALA A 125 13.18 -3.18 -9.88
CA ALA A 125 13.48 -4.48 -10.53
C ALA A 125 13.28 -4.25 -12.02
N ASP A 126 14.36 -4.30 -12.80
CA ASP A 126 14.36 -3.78 -14.20
C ASP A 126 13.68 -2.40 -14.16
N ASP A 127 12.59 -2.19 -14.91
CA ASP A 127 11.97 -0.86 -15.08
C ASP A 127 10.82 -0.69 -14.09
N VAL A 128 10.54 -1.67 -13.23
CA VAL A 128 9.45 -1.52 -12.24
C VAL A 128 9.99 -0.85 -10.96
N VAL A 129 9.23 0.09 -10.42
CA VAL A 129 9.60 0.82 -9.17
C VAL A 129 8.45 0.66 -8.17
N CYS A 130 8.81 0.25 -6.98
CA CYS A 130 7.87 0.15 -5.85
C CYS A 130 8.28 1.22 -4.84
N THR A 131 7.31 1.96 -4.28
CA THR A 131 7.59 3.00 -3.28
C THR A 131 6.85 2.67 -1.99
N ARG A 132 7.58 2.71 -0.89
CA ARG A 132 7.02 2.47 0.44
C ARG A 132 7.34 3.65 1.32
N ILE A 133 6.32 4.20 1.99
CA ILE A 133 6.50 5.41 2.81
C ILE A 133 6.32 5.05 4.27
N TYR A 134 7.33 5.37 5.05
CA TYR A 134 7.40 5.13 6.51
C TYR A 134 7.35 6.48 7.24
N VAL A 135 6.69 6.47 8.37
CA VAL A 135 6.61 7.63 9.30
C VAL A 135 7.15 7.19 10.65
N ARG A 136 7.59 8.16 11.45
CA ARG A 136 8.17 7.84 12.77
C ARG A 136 7.08 7.26 13.67
N GLU A 137 7.40 6.25 14.47
CA GLU A 137 6.44 5.51 15.32
C GLU A 137 5.95 6.42 16.47
N MET B 1 -25.31 -11.69 8.37
CA MET B 1 -24.60 -12.65 9.28
C MET B 1 -23.25 -12.07 9.73
N PRO B 2 -22.37 -11.57 8.84
CA PRO B 2 -21.16 -10.86 9.29
C PRO B 2 -21.51 -9.46 9.81
N ASN B 3 -20.82 -9.02 10.88
CA ASN B 3 -21.11 -7.72 11.54
C ASN B 3 -20.02 -6.71 11.19
N PHE B 4 -20.26 -5.89 10.16
CA PHE B 4 -19.36 -4.81 9.74
C PHE B 4 -19.46 -3.60 10.67
N ALA B 5 -20.54 -3.50 11.47
CA ALA B 5 -20.82 -2.28 12.24
C ALA B 5 -19.67 -1.93 13.18
N GLY B 6 -19.44 -0.63 13.36
CA GLY B 6 -18.42 -0.15 14.29
C GLY B 6 -17.62 0.98 13.72
N THR B 7 -16.59 1.36 14.46
CA THR B 7 -15.61 2.39 14.08
C THR B 7 -14.33 1.69 13.70
N TRP B 8 -13.72 2.19 12.63
CA TRP B 8 -12.56 1.51 11.99
C TRP B 8 -11.52 2.57 11.67
N LYS B 9 -10.25 2.21 11.65
CA LYS B 9 -9.15 3.10 11.29
C LYS B 9 -8.23 2.36 10.31
N MET B 10 -7.66 3.07 9.37
CA MET B 10 -6.88 2.41 8.30
C MET B 10 -5.52 2.01 8.90
N ARG B 11 -5.12 0.77 8.67
CA ARG B 11 -3.78 0.31 9.08
CA ARG B 11 -3.80 0.21 9.06
C ARG B 11 -2.82 0.32 7.89
N SER B 12 -3.27 -0.03 6.69
CA SER B 12 -2.30 -0.15 5.58
C SER B 12 -2.98 0.16 4.24
N SER B 13 -2.21 0.63 3.29
CA SER B 13 -2.72 0.97 1.93
C SER B 13 -1.72 0.46 0.90
N GLU B 14 -2.21 -0.22 -0.08
CA GLU B 14 -1.42 -0.67 -1.26
C GLU B 14 -2.06 -0.11 -2.51
N ASN B 15 -1.26 0.56 -3.30
CA ASN B 15 -1.55 0.96 -4.69
C ASN B 15 -2.60 2.09 -4.76
N PHE B 16 -2.83 2.86 -3.72
CA PHE B 16 -3.77 4.00 -3.83
C PHE B 16 -3.33 5.03 -4.86
N ASP B 17 -2.07 5.46 -4.83
CA ASP B 17 -1.53 6.39 -5.84
C ASP B 17 -1.73 5.80 -7.24
N GLU B 18 -1.44 4.49 -7.43
CA GLU B 18 -1.58 3.87 -8.76
C GLU B 18 -3.04 3.87 -9.20
N LEU B 19 -3.98 3.66 -8.27
CA LEU B 19 -5.43 3.67 -8.60
C LEU B 19 -5.80 5.10 -9.11
N LEU B 20 -5.36 6.11 -8.37
CA LEU B 20 -5.65 7.52 -8.72
C LEU B 20 -5.04 7.84 -10.09
N LYS B 21 -3.83 7.34 -10.37
CA LYS B 21 -3.23 7.50 -11.73
C LYS B 21 -4.09 6.83 -12.80
N ALA B 22 -4.60 5.61 -12.55
CA ALA B 22 -5.48 4.91 -13.51
C ALA B 22 -6.79 5.69 -13.71
N LEU B 23 -7.24 6.44 -12.72
CA LEU B 23 -8.47 7.26 -12.87
C LEU B 23 -8.16 8.61 -13.52
N GLY B 24 -6.90 8.90 -13.77
CA GLY B 24 -6.45 10.13 -14.46
C GLY B 24 -6.39 11.33 -13.53
N VAL B 25 -6.21 11.10 -12.23
CA VAL B 25 -6.09 12.22 -11.24
C VAL B 25 -4.72 12.87 -11.37
N ASN B 26 -4.67 14.20 -11.54
CA ASN B 26 -3.39 14.96 -11.60
C ASN B 26 -2.57 14.78 -10.36
N ALA B 27 -1.23 14.81 -10.50
CA ALA B 27 -0.29 14.70 -9.37
C ALA B 27 -0.55 15.73 -8.27
N MET B 28 -1.01 16.93 -8.63
CA MET B 28 -1.24 18.01 -7.63
C MET B 28 -2.22 17.51 -6.57
N CYS B 29 -3.29 16.86 -7.05
CA CYS B 29 -4.36 16.25 -6.21
C CYS B 29 -3.89 14.93 -5.59
N ARG B 30 -3.19 14.08 -6.36
CA ARG B 30 -2.73 12.78 -5.79
C ARG B 30 -1.83 13.01 -4.58
N LYS B 31 -0.93 13.97 -4.64
CA LYS B 31 0.05 14.25 -3.58
C LYS B 31 -0.68 14.54 -2.27
N VAL B 32 -1.74 15.35 -2.33
CA VAL B 32 -2.54 15.66 -1.10
C VAL B 32 -3.33 14.44 -0.70
N ALA B 33 -3.98 13.79 -1.66
CA ALA B 33 -4.87 12.61 -1.38
C ALA B 33 -4.09 11.49 -0.71
N VAL B 34 -2.86 11.27 -1.16
CA VAL B 34 -2.04 10.15 -0.64
C VAL B 34 -1.57 10.51 0.77
N ALA B 35 -1.15 11.76 1.04
CA ALA B 35 -0.79 12.24 2.39
C ALA B 35 -2.00 12.15 3.34
N ALA B 36 -3.14 12.75 2.96
CA ALA B 36 -4.30 12.99 3.86
C ALA B 36 -5.10 11.70 4.05
N ALA B 37 -5.34 11.00 2.94
CA ALA B 37 -6.02 9.69 2.90
C ALA B 37 -5.09 8.58 3.39
N SER B 38 -3.96 8.91 4.03
CA SER B 38 -3.08 7.90 4.68
C SER B 38 -3.72 7.39 5.98
N LYS B 39 -4.72 8.11 6.55
CA LYS B 39 -5.36 7.69 7.82
C LYS B 39 -6.82 8.15 7.89
N PRO B 40 -7.64 7.63 6.97
CA PRO B 40 -9.07 7.68 7.13
C PRO B 40 -9.57 6.94 8.36
N HIS B 41 -10.70 7.43 8.85
CA HIS B 41 -11.54 6.77 9.86
C HIS B 41 -12.91 6.49 9.23
N VAL B 42 -13.43 5.30 9.52
CA VAL B 42 -14.68 4.79 8.95
C VAL B 42 -15.65 4.45 10.06
N GLU B 43 -16.90 4.88 9.91
CA GLU B 43 -18.00 4.43 10.77
C GLU B 43 -18.96 3.64 9.90
N ILE B 44 -19.34 2.47 10.37
CA ILE B 44 -20.36 1.65 9.72
C ILE B 44 -21.50 1.41 10.70
N ARG B 45 -22.71 1.61 10.24
CA ARG B 45 -23.94 1.13 10.91
C ARG B 45 -24.55 0.09 9.99
N GLN B 46 -24.99 -1.03 10.53
CA GLN B 46 -25.53 -2.14 9.75
C GLN B 46 -26.74 -2.73 10.47
N ASP B 47 -27.83 -2.90 9.74
CA ASP B 47 -29.02 -3.67 10.21
C ASP B 47 -29.39 -4.66 9.10
N GLY B 48 -28.94 -5.91 9.23
CA GLY B 48 -29.03 -6.96 8.21
C GLY B 48 -28.35 -6.56 6.91
N ASP B 49 -29.14 -6.32 5.87
CA ASP B 49 -28.67 -5.88 4.53
C ASP B 49 -28.55 -4.36 4.43
N GLN B 50 -29.00 -3.61 5.43
CA GLN B 50 -29.05 -2.14 5.32
C GLN B 50 -27.75 -1.57 5.94
N PHE B 51 -27.02 -0.77 5.17
CA PHE B 51 -25.71 -0.19 5.56
C PHE B 51 -25.69 1.33 5.48
N TYR B 52 -24.94 1.90 6.40
CA TYR B 52 -24.49 3.30 6.40
C TYR B 52 -22.97 3.26 6.55
N ILE B 53 -22.24 3.85 5.59
CA ILE B 53 -20.77 3.86 5.64
C ILE B 53 -20.28 5.28 5.46
N LYS B 54 -19.60 5.80 6.49
CA LYS B 54 -19.01 7.14 6.44
C LYS B 54 -17.51 7.02 6.49
N THR B 55 -16.82 7.62 5.51
CA THR B 55 -15.35 7.63 5.48
C THR B 55 -14.85 9.06 5.58
N SER B 56 -14.06 9.36 6.60
CA SER B 56 -13.61 10.76 6.80
C SER B 56 -12.11 10.90 6.85
N THR B 57 -11.66 11.96 6.17
CA THR B 57 -10.32 12.51 6.25
C THR B 57 -10.47 14.04 6.38
N THR B 58 -9.39 14.73 6.65
CA THR B 58 -9.36 16.20 6.73
C THR B 58 -9.77 16.78 5.37
N VAL B 59 -9.47 16.09 4.26
CA VAL B 59 -9.57 16.58 2.86
C VAL B 59 -10.94 16.27 2.28
N ARG B 60 -11.58 15.18 2.72
CA ARG B 60 -12.82 14.70 2.08
C ARG B 60 -13.55 13.73 3.01
N THR B 61 -14.83 13.95 3.16
CA THR B 61 -15.74 13.00 3.84
C THR B 61 -16.80 12.51 2.86
N THR B 62 -17.06 11.20 2.81
CA THR B 62 -18.20 10.63 2.02
C THR B 62 -19.07 9.80 2.94
N GLU B 63 -20.35 9.77 2.65
CA GLU B 63 -21.32 8.91 3.36
C GLU B 63 -22.16 8.22 2.31
N ILE B 64 -22.39 6.92 2.46
CA ILE B 64 -23.34 6.19 1.59
C ILE B 64 -24.31 5.43 2.48
N ASN B 65 -25.55 5.33 2.00
CA ASN B 65 -26.65 4.55 2.57
C ASN B 65 -27.09 3.60 1.47
N PHE B 66 -27.12 2.30 1.72
CA PHE B 66 -27.53 1.33 0.72
C PHE B 66 -28.10 0.12 1.43
N LYS B 67 -28.96 -0.58 0.70
CA LYS B 67 -29.37 -1.95 1.04
C LYS B 67 -28.71 -2.88 0.04
N VAL B 68 -28.11 -3.98 0.52
CA VAL B 68 -27.52 -5.01 -0.36
C VAL B 68 -28.62 -5.47 -1.32
N GLY B 69 -28.34 -5.48 -2.63
CA GLY B 69 -29.29 -5.92 -3.68
C GLY B 69 -30.11 -4.78 -4.27
N GLU B 70 -30.02 -3.56 -3.75
CA GLU B 70 -30.79 -2.37 -4.23
C GLU B 70 -29.85 -1.33 -4.82
N GLY B 71 -30.21 -0.81 -5.99
CA GLY B 71 -29.45 0.26 -6.63
C GLY B 71 -29.37 1.50 -5.75
N PHE B 72 -28.27 2.21 -5.83
CA PHE B 72 -28.07 3.51 -5.16
C PHE B 72 -27.12 4.33 -6.00
N GLU B 73 -26.99 5.59 -5.67
CA GLU B 73 -26.05 6.52 -6.37
C GLU B 73 -24.94 6.91 -5.41
N GLU B 74 -23.71 6.97 -5.88
CA GLU B 74 -22.59 7.45 -5.05
C GLU B 74 -21.60 8.13 -5.99
N GLU B 75 -20.37 8.29 -5.56
CA GLU B 75 -19.29 8.84 -6.41
C GLU B 75 -18.18 7.80 -6.46
N THR B 76 -17.46 7.77 -7.58
CA THR B 76 -16.16 7.06 -7.69
C THR B 76 -15.17 7.74 -6.73
N VAL B 77 -14.03 7.09 -6.52
CA VAL B 77 -12.97 7.64 -5.65
C VAL B 77 -12.58 9.04 -6.11
N ASP B 78 -12.57 9.28 -7.44
CA ASP B 78 -12.15 10.59 -8.01
C ASP B 78 -13.37 11.54 -8.17
N GLY B 79 -14.50 11.19 -7.61
CA GLY B 79 -15.64 12.11 -7.39
C GLY B 79 -16.61 12.19 -8.57
N ARG B 80 -16.68 11.17 -9.41
N ARG B 80 -16.62 11.21 -9.47
CA ARG B 80 -17.63 11.15 -10.55
CA ARG B 80 -17.62 11.16 -10.57
C ARG B 80 -18.89 10.38 -10.16
C ARG B 80 -18.89 10.45 -10.05
N LYS B 81 -20.07 10.96 -10.40
CA LYS B 81 -21.35 10.35 -9.98
C LYS B 81 -21.51 9.00 -10.66
N CYS B 82 -21.95 7.97 -9.92
CA CYS B 82 -22.11 6.63 -10.49
C CYS B 82 -23.38 5.99 -9.91
N ARG B 83 -23.92 5.05 -10.65
CA ARG B 83 -25.01 4.19 -10.20
C ARG B 83 -24.35 2.91 -9.72
N SER B 84 -24.69 2.49 -8.51
CA SER B 84 -24.04 1.33 -7.84
C SER B 84 -25.01 0.26 -7.42
N LEU B 85 -24.51 -0.96 -7.40
CA LEU B 85 -25.22 -2.13 -6.86
C LEU B 85 -24.26 -2.97 -6.00
N ALA B 86 -24.59 -3.16 -4.73
CA ALA B 86 -23.84 -4.07 -3.83
C ALA B 86 -24.53 -5.43 -3.79
N THR B 87 -23.75 -6.49 -3.83
CA THR B 87 -24.18 -7.92 -3.78
C THR B 87 -23.34 -8.64 -2.73
N TRP B 88 -23.89 -9.64 -2.03
CA TRP B 88 -23.06 -10.60 -1.24
C TRP B 88 -22.30 -11.48 -2.21
N GLU B 89 -20.98 -11.44 -2.19
CA GLU B 89 -20.10 -12.27 -3.05
C GLU B 89 -19.82 -13.58 -2.30
N ASN B 90 -19.87 -13.48 -0.97
CA ASN B 90 -19.81 -14.65 -0.05
C ASN B 90 -20.40 -14.14 1.27
N GLU B 91 -20.37 -14.97 2.31
CA GLU B 91 -21.05 -14.62 3.58
C GLU B 91 -20.36 -13.41 4.21
N ASN B 92 -19.09 -13.16 3.91
CA ASN B 92 -18.33 -12.09 4.62
C ASN B 92 -17.90 -10.97 3.66
N LYS B 93 -18.42 -10.93 2.44
CA LYS B 93 -17.86 -10.02 1.40
C LYS B 93 -18.99 -9.37 0.60
N ILE B 94 -18.96 -8.03 0.51
CA ILE B 94 -19.86 -7.23 -0.36
C ILE B 94 -19.06 -6.79 -1.60
N HIS B 95 -19.61 -7.03 -2.78
CA HIS B 95 -19.03 -6.56 -4.05
C HIS B 95 -19.96 -5.49 -4.62
N CYS B 96 -19.40 -4.35 -4.96
CA CYS B 96 -20.22 -3.24 -5.43
C CYS B 96 -19.78 -2.92 -6.84
N THR B 97 -20.70 -3.10 -7.79
CA THR B 97 -20.48 -2.74 -9.21
C THR B 97 -20.95 -1.31 -9.44
N GLN B 98 -20.24 -0.57 -10.28
CA GLN B 98 -20.46 0.85 -10.48
C GLN B 98 -20.55 1.12 -11.99
N THR B 99 -21.43 2.05 -12.37
CA THR B 99 -21.56 2.60 -13.77
C THR B 99 -21.65 4.13 -13.72
N LEU B 100 -20.78 4.89 -14.41
CA LEU B 100 -20.82 6.37 -14.45
C LEU B 100 -22.18 6.88 -14.96
N LEU B 101 -22.77 7.89 -14.31
CA LEU B 101 -24.03 8.54 -14.77
C LEU B 101 -23.75 9.29 -16.07
N GLU B 102 -22.55 9.88 -16.20
CA GLU B 102 -22.20 10.79 -17.30
C GLU B 102 -20.75 10.54 -17.73
N GLY B 103 -20.58 10.22 -19.00
CA GLY B 103 -19.26 10.21 -19.63
C GLY B 103 -18.68 8.83 -19.61
N ASP B 104 -17.40 8.75 -19.92
CA ASP B 104 -16.68 7.49 -20.11
C ASP B 104 -15.50 7.51 -19.13
N GLY B 105 -14.99 6.34 -18.86
CA GLY B 105 -13.92 6.18 -17.88
C GLY B 105 -13.66 4.72 -17.65
N PRO B 106 -12.65 4.43 -16.80
CA PRO B 106 -12.28 3.06 -16.48
C PRO B 106 -13.45 2.35 -15.77
N LYS B 107 -13.49 1.04 -15.88
CA LYS B 107 -14.43 0.20 -15.14
C LYS B 107 -14.00 0.21 -13.66
N THR B 108 -14.91 0.57 -12.79
CA THR B 108 -14.62 0.73 -11.34
C THR B 108 -15.52 -0.19 -10.55
N TYR B 109 -15.03 -0.59 -9.37
CA TYR B 109 -15.84 -1.35 -8.41
C TYR B 109 -15.16 -1.18 -7.06
N TRP B 110 -15.86 -1.60 -6.01
CA TRP B 110 -15.23 -1.75 -4.69
C TRP B 110 -15.72 -3.06 -4.09
N THR B 111 -14.94 -3.57 -3.16
CA THR B 111 -15.34 -4.70 -2.34
C THR B 111 -15.01 -4.40 -0.87
N ARG B 112 -15.84 -4.91 0.03
CA ARG B 112 -15.57 -4.81 1.45
C ARG B 112 -15.76 -6.23 2.05
N GLU B 113 -14.74 -6.70 2.70
CA GLU B 113 -14.74 -8.08 3.28
C GLU B 113 -14.30 -8.01 4.74
N LEU B 114 -14.94 -8.83 5.58
CA LEU B 114 -14.49 -9.05 6.97
C LEU B 114 -13.65 -10.33 6.99
N ALA B 115 -12.40 -10.24 7.36
CA ALA B 115 -11.48 -11.40 7.43
C ALA B 115 -10.71 -11.28 8.72
N ASN B 116 -10.99 -12.18 9.68
CA ASN B 116 -10.29 -12.20 10.98
C ASN B 116 -10.51 -10.85 11.68
N ASP B 117 -11.73 -10.36 11.60
CA ASP B 117 -12.16 -9.07 12.18
C ASP B 117 -11.39 -7.86 11.61
N GLU B 118 -10.66 -8.02 10.50
CA GLU B 118 -10.16 -6.86 9.72
C GLU B 118 -11.15 -6.57 8.59
N LEU B 119 -11.24 -5.31 8.20
CA LEU B 119 -12.14 -4.88 7.11
C LEU B 119 -11.21 -4.59 5.90
N ILE B 120 -11.28 -5.44 4.89
CA ILE B 120 -10.47 -5.28 3.67
C ILE B 120 -11.34 -4.56 2.62
N LEU B 121 -10.86 -3.40 2.24
CA LEU B 121 -11.52 -2.58 1.18
C LEU B 121 -10.66 -2.71 -0.06
N THR B 122 -11.26 -3.15 -1.17
CA THR B 122 -10.52 -3.16 -2.46
C THR B 122 -11.24 -2.21 -3.41
N PHE B 123 -10.48 -1.46 -4.18
CA PHE B 123 -10.99 -0.62 -5.26
C PHE B 123 -10.30 -1.08 -6.55
N GLY B 124 -11.07 -1.17 -7.61
CA GLY B 124 -10.57 -1.47 -8.98
C GLY B 124 -10.77 -0.28 -9.89
N ALA B 125 -9.81 -0.06 -10.79
CA ALA B 125 -10.00 0.83 -11.96
C ALA B 125 -9.30 0.13 -13.14
N ASP B 126 -10.09 -0.34 -14.08
CA ASP B 126 -9.60 -1.30 -15.12
C ASP B 126 -8.82 -2.41 -14.40
N ASP B 127 -7.55 -2.62 -14.73
CA ASP B 127 -6.75 -3.76 -14.19
C ASP B 127 -5.98 -3.31 -12.93
N VAL B 128 -6.14 -2.08 -12.44
CA VAL B 128 -5.40 -1.65 -11.23
C VAL B 128 -6.25 -1.96 -10.01
N VAL B 129 -5.62 -2.54 -8.98
CA VAL B 129 -6.34 -2.85 -7.73
C VAL B 129 -5.62 -2.18 -6.57
N CYS B 130 -6.38 -1.48 -5.76
CA CYS B 130 -5.90 -0.87 -4.50
C CYS B 130 -6.51 -1.62 -3.32
N THR B 131 -5.71 -1.95 -2.32
CA THR B 131 -6.16 -2.69 -1.12
C THR B 131 -5.88 -1.82 0.09
N ARG B 132 -6.92 -1.51 0.86
CA ARG B 132 -6.82 -0.77 2.12
C ARG B 132 -7.36 -1.61 3.24
N ILE B 133 -6.53 -1.83 4.25
CA ILE B 133 -6.92 -2.67 5.40
C ILE B 133 -7.26 -1.77 6.58
N TYR B 134 -8.45 -1.99 7.11
CA TYR B 134 -8.97 -1.25 8.27
C TYR B 134 -9.03 -2.23 9.45
N VAL B 135 -8.81 -1.67 10.62
CA VAL B 135 -8.94 -2.41 11.91
C VAL B 135 -9.86 -1.65 12.85
N ARG B 136 -10.36 -2.33 13.81
CA ARG B 136 -11.35 -1.69 14.76
C ARG B 136 -10.62 -0.65 15.58
N GLU B 137 -11.31 0.44 15.95
CA GLU B 137 -10.80 1.36 16.97
C GLU B 137 -11.91 1.62 17.98
#